data_5ZDN
#
_entry.id   5ZDN
#
_cell.length_a   56.165
_cell.length_b   77.452
_cell.length_c   96.566
_cell.angle_alpha   90.00
_cell.angle_beta   90.00
_cell.angle_gamma   90.00
#
_symmetry.space_group_name_H-M   'C 2 2 21'
#
loop_
_entity.id
_entity.type
_entity.pdbx_description
1 polymer FomD
2 non-polymer "CYTIDINE-5'-DIPHOSPHATE"
3 non-polymer 'MAGNESIUM ION'
4 non-polymer GLYCEROL
5 water water
#
_entity_poly.entity_id   1
_entity_poly.type   'polypeptide(L)'
_entity_poly.pdbx_seq_one_letter_code
;GSHGMTEAASEGTESFAFGAVVERRDELDGRPWISYPVRVVADTPELVAVHLSHGTRLTFGDDPFSWGPHPWQLFGDRWQ
SAGILQLHRPGRGHSVWVLRDADTGAFREWYVNVEAPWRRTPTGFSTLDHEIDLVVPADSRTFRWKDVEKFEERARIGHF
SPEEATAIRAEAADVAREIAAGEQWWDTRWSRWEPPAGWNALLQSFETEGS
;
_entity_poly.pdbx_strand_id   A
#
# COMPACT_ATOMS: atom_id res chain seq x y z
N SER A 15 -14.60 14.46 0.38
CA SER A 15 -13.50 14.10 -0.58
C SER A 15 -12.33 15.10 -0.71
N PHE A 16 -11.09 14.59 -0.69
CA PHE A 16 -9.85 15.38 -0.63
C PHE A 16 -9.33 15.99 -1.92
N ALA A 17 -8.68 17.15 -1.84
CA ALA A 17 -8.24 17.87 -3.05
C ALA A 17 -6.93 17.34 -3.56
N PHE A 18 -6.71 17.52 -4.86
CA PHE A 18 -5.45 17.23 -5.49
C PHE A 18 -4.29 17.92 -4.75
N GLY A 19 -3.34 17.12 -4.29
CA GLY A 19 -2.12 17.62 -3.62
C GLY A 19 -2.29 17.88 -2.13
N ALA A 20 -3.50 17.70 -1.61
CA ALA A 20 -3.72 17.71 -0.17
C ALA A 20 -2.83 16.69 0.50
N VAL A 21 -2.36 17.05 1.67
CA VAL A 21 -1.49 16.18 2.43
C VAL A 21 -2.31 15.51 3.49
N VAL A 22 -2.36 14.20 3.45
CA VAL A 22 -3.23 13.44 4.34
C VAL A 22 -2.46 12.25 4.91
N GLU A 23 -2.99 11.71 5.97
CA GLU A 23 -2.57 10.46 6.54
C GLU A 23 -3.02 9.18 5.80
N ARG A 24 -2.03 8.32 5.64
CA ARG A 24 -2.26 6.95 5.30
C ARG A 24 -1.69 6.08 6.42
N ARG A 25 -2.57 5.29 7.03
CA ARG A 25 -2.25 4.64 8.27
C ARG A 25 -2.58 3.15 8.11
N ASP A 26 -1.80 2.31 8.77
CA ASP A 26 -2.15 0.91 9.04
C ASP A 26 -2.51 0.95 10.52
N GLU A 27 -3.75 0.59 10.81
CA GLU A 27 -4.26 0.60 12.13
C GLU A 27 -4.31 -0.81 12.63
N LEU A 28 -3.66 -1.07 13.78
CA LEU A 28 -3.63 -2.38 14.38
C LEU A 28 -3.89 -2.12 15.83
N ASP A 29 -4.56 -3.04 16.47
CA ASP A 29 -4.86 -2.96 17.93
C ASP A 29 -5.60 -1.67 18.25
N GLY A 30 -6.26 -1.08 17.25
CA GLY A 30 -7.14 0.11 17.48
C GLY A 30 -6.31 1.38 17.38
N ARG A 31 -5.07 1.27 16.91
CA ARG A 31 -4.19 2.42 16.89
C ARG A 31 -3.27 2.35 15.65
N PRO A 32 -2.47 3.41 15.38
CA PRO A 32 -1.62 3.43 14.22
C PRO A 32 -0.35 2.56 14.42
N TRP A 33 -0.27 1.50 13.64
CA TRP A 33 0.93 0.65 13.64
C TRP A 33 2.06 1.37 12.91
N ILE A 34 1.69 1.93 11.77
CA ILE A 34 2.41 2.92 11.01
C ILE A 34 1.50 3.99 10.46
N SER A 35 2.03 5.20 10.31
CA SER A 35 1.27 6.29 9.75
C SER A 35 2.24 7.17 9.04
N TYR A 36 1.87 7.62 7.85
CA TYR A 36 2.71 8.57 7.13
C TYR A 36 1.87 9.45 6.26
N PRO A 37 2.29 10.74 6.13
CA PRO A 37 1.73 11.71 5.20
C PRO A 37 1.96 11.33 3.74
N VAL A 38 0.84 11.40 3.01
CA VAL A 38 0.79 11.26 1.55
C VAL A 38 0.03 12.42 0.81
N ARG A 39 0.45 12.69 -0.43
CA ARG A 39 -0.24 13.62 -1.28
C ARG A 39 -1.29 12.95 -2.13
N VAL A 40 -2.48 13.52 -2.08
CA VAL A 40 -3.59 13.01 -2.88
C VAL A 40 -3.34 13.35 -4.36
N VAL A 41 -3.54 12.36 -5.22
CA VAL A 41 -3.39 12.46 -6.65
C VAL A 41 -4.78 12.30 -7.25
N ALA A 42 -5.56 11.39 -6.68
CA ALA A 42 -6.95 11.22 -7.03
C ALA A 42 -7.76 10.74 -5.86
N ASP A 43 -9.01 11.16 -5.84
CA ASP A 43 -9.89 10.75 -4.78
C ASP A 43 -11.30 10.77 -5.34
N THR A 44 -11.64 9.66 -5.99
CA THR A 44 -12.91 9.56 -6.72
C THR A 44 -13.59 8.26 -6.37
N PRO A 45 -14.83 8.08 -6.85
CA PRO A 45 -15.48 6.82 -6.48
C PRO A 45 -14.89 5.57 -7.14
N GLU A 46 -14.09 5.76 -8.20
CA GLU A 46 -13.44 4.65 -8.89
C GLU A 46 -11.91 4.47 -8.55
N LEU A 47 -11.29 5.46 -7.92
CA LEU A 47 -9.84 5.47 -7.66
C LEU A 47 -9.54 6.42 -6.52
N VAL A 48 -8.72 5.93 -5.58
CA VAL A 48 -8.00 6.73 -4.63
C VAL A 48 -6.55 6.46 -4.99
N ALA A 49 -5.82 7.49 -5.39
CA ALA A 49 -4.40 7.40 -5.59
C ALA A 49 -3.73 8.39 -4.66
N VAL A 50 -2.61 7.96 -4.05
CA VAL A 50 -1.83 8.80 -3.18
C VAL A 50 -0.33 8.61 -3.40
N HIS A 51 0.42 9.64 -3.05
CA HIS A 51 1.82 9.63 -3.34
C HIS A 51 2.65 9.70 -2.08
N LEU A 52 3.48 8.68 -1.89
CA LEU A 52 4.45 8.61 -0.80
C LEU A 52 5.80 8.95 -1.34
N SER A 53 6.41 10.01 -0.84
CA SER A 53 7.58 10.60 -1.47
C SER A 53 8.85 10.13 -0.78
N HIS A 54 9.92 10.05 -1.52
CA HIS A 54 11.20 9.73 -0.90
C HIS A 54 11.56 10.70 0.23
N GLY A 55 11.96 10.15 1.38
CA GLY A 55 12.28 10.95 2.54
C GLY A 55 11.20 11.19 3.53
N THR A 56 9.95 10.91 3.17
CA THR A 56 8.88 11.12 4.10
C THR A 56 9.08 10.42 5.44
N ARG A 57 8.73 11.12 6.51
CA ARG A 57 8.74 10.53 7.84
C ARG A 57 7.64 9.49 8.04
N LEU A 58 8.08 8.34 8.52
CA LEU A 58 7.21 7.27 8.91
C LEU A 58 7.07 7.31 10.39
N THR A 59 5.82 7.34 10.88
CA THR A 59 5.60 7.38 12.31
C THR A 59 5.08 6.01 12.72
N PHE A 60 5.77 5.42 13.68
CA PHE A 60 5.43 4.10 14.19
C PHE A 60 4.73 4.20 15.55
N GLY A 61 3.73 3.39 15.82
CA GLY A 61 3.14 3.43 17.15
C GLY A 61 4.11 2.80 18.12
N ASP A 62 4.00 3.17 19.39
CA ASP A 62 4.74 2.49 20.43
C ASP A 62 4.37 1.03 20.59
N ASP A 63 5.36 0.24 20.96
CA ASP A 63 5.20 -1.16 21.32
C ASP A 63 4.52 -1.35 22.68
N PRO A 64 3.94 -2.52 22.96
CA PRO A 64 3.69 -3.72 22.14
C PRO A 64 2.44 -3.72 21.30
N PHE A 65 2.58 -4.38 20.13
CA PHE A 65 1.45 -4.65 19.26
C PHE A 65 1.30 -6.11 19.25
N SER A 66 0.08 -6.59 19.05
CA SER A 66 -0.13 -7.99 18.80
C SER A 66 0.72 -8.60 17.63
N TRP A 67 1.18 -7.81 16.68
CA TRP A 67 1.93 -8.37 15.56
C TRP A 67 3.39 -7.89 15.56
N GLY A 68 3.90 -7.43 16.69
CA GLY A 68 5.25 -6.92 16.83
C GLY A 68 5.41 -5.56 16.25
N PRO A 69 6.62 -4.99 16.32
CA PRO A 69 6.88 -3.68 15.74
C PRO A 69 6.53 -3.73 14.22
N HIS A 70 6.06 -2.64 13.61
CA HIS A 70 5.86 -2.62 12.16
C HIS A 70 7.22 -3.01 11.52
N PRO A 71 7.19 -3.90 10.52
CA PRO A 71 8.35 -4.38 9.80
C PRO A 71 9.18 -3.24 9.15
N TRP A 72 8.58 -2.10 8.78
CA TRP A 72 9.42 -1.04 8.16
C TRP A 72 10.42 -0.30 9.03
N GLN A 73 10.43 -0.58 10.35
CA GLN A 73 11.43 -0.03 11.28
C GLN A 73 12.83 -0.58 11.04
N LEU A 74 12.93 -1.69 10.35
CA LEU A 74 14.27 -2.13 9.88
C LEU A 74 15.04 -1.02 9.15
N PHE A 75 14.30 -0.33 8.29
CA PHE A 75 14.84 0.74 7.48
C PHE A 75 14.93 2.12 8.19
N GLY A 76 14.43 2.23 9.42
CA GLY A 76 14.37 3.52 10.12
C GLY A 76 13.09 4.31 9.95
N ASP A 77 13.16 5.61 10.15
CA ASP A 77 11.89 6.35 10.23
C ASP A 77 11.68 7.33 9.04
N ARG A 78 12.32 6.99 7.94
CA ARG A 78 11.97 7.61 6.70
C ARG A 78 11.82 6.60 5.57
N TRP A 79 10.99 7.00 4.58
CA TRP A 79 10.82 6.27 3.31
C TRP A 79 12.08 6.41 2.51
N GLN A 80 12.88 5.35 2.50
CA GLN A 80 14.25 5.33 1.88
C GLN A 80 14.32 5.11 0.37
N SER A 81 13.35 4.40 -0.20
CA SER A 81 13.34 4.11 -1.62
C SER A 81 12.93 5.34 -2.49
N ALA A 82 12.76 5.13 -3.79
CA ALA A 82 12.11 6.15 -4.64
C ALA A 82 10.64 6.30 -4.21
N GLY A 83 10.03 7.43 -4.54
CA GLY A 83 8.66 7.71 -4.14
C GLY A 83 7.79 6.70 -4.83
N ILE A 84 6.59 6.43 -4.30
CA ILE A 84 5.67 5.53 -4.93
C ILE A 84 4.26 6.10 -5.06
N LEU A 85 3.59 5.66 -6.08
CA LEU A 85 2.17 5.94 -6.17
C LEU A 85 1.35 4.76 -5.62
N GLN A 86 0.47 5.00 -4.68
CA GLN A 86 -0.47 3.95 -4.32
C GLN A 86 -1.76 4.13 -5.04
N LEU A 87 -2.22 3.04 -5.67
CA LEU A 87 -3.49 3.01 -6.33
C LEU A 87 -4.51 2.07 -5.69
N HIS A 88 -5.70 2.60 -5.45
CA HIS A 88 -6.67 1.82 -4.74
C HIS A 88 -8.09 2.04 -5.32
N ARG A 89 -8.76 0.92 -5.57
CA ARG A 89 -10.10 0.89 -6.11
C ARG A 89 -10.95 0.70 -4.90
N PRO A 90 -11.79 1.70 -4.58
CA PRO A 90 -12.61 1.69 -3.38
C PRO A 90 -13.40 0.39 -3.28
N GLY A 91 -13.63 -0.10 -2.05
CA GLY A 91 -14.25 -1.39 -1.84
C GLY A 91 -13.36 -2.63 -1.91
N ARG A 92 -12.15 -2.56 -2.48
CA ARG A 92 -11.38 -3.76 -2.76
C ARG A 92 -10.25 -3.93 -1.75
N GLY A 93 -9.87 -5.17 -1.49
CA GLY A 93 -8.94 -5.56 -0.43
C GLY A 93 -7.49 -5.51 -0.87
N HIS A 94 -7.11 -4.46 -1.56
CA HIS A 94 -5.65 -4.30 -1.89
C HIS A 94 -5.44 -2.94 -2.42
N SER A 95 -4.17 -2.56 -2.58
CA SER A 95 -3.82 -1.48 -3.47
C SER A 95 -2.65 -1.89 -4.33
N VAL A 96 -2.44 -1.09 -5.36
CA VAL A 96 -1.39 -1.36 -6.34
C VAL A 96 -0.36 -0.21 -6.26
N TRP A 97 0.88 -0.56 -5.98
CA TRP A 97 1.96 0.41 -5.87
C TRP A 97 2.78 0.42 -7.12
N VAL A 98 3.04 1.62 -7.63
CA VAL A 98 3.94 1.78 -8.74
C VAL A 98 5.37 1.90 -8.17
N LEU A 99 6.23 0.97 -8.51
CA LEU A 99 7.54 0.89 -7.91
C LEU A 99 8.62 1.27 -8.96
N ARG A 100 9.58 2.10 -8.55
CA ARG A 100 10.63 2.61 -9.41
C ARG A 100 11.97 2.25 -8.82
N ASP A 101 12.94 2.14 -9.72
CA ASP A 101 14.33 1.89 -9.37
C ASP A 101 14.90 3.13 -8.67
N ALA A 102 15.45 2.94 -7.48
CA ALA A 102 15.95 4.05 -6.65
C ALA A 102 17.24 4.70 -7.18
N ASP A 103 17.97 3.96 -8.00
CA ASP A 103 19.12 4.51 -8.67
C ASP A 103 18.72 5.23 -9.94
N THR A 104 17.99 4.52 -10.81
CA THR A 104 17.76 5.00 -12.18
C THR A 104 16.41 5.72 -12.34
N GLY A 105 15.46 5.50 -11.43
CA GLY A 105 14.13 6.10 -11.57
C GLY A 105 13.21 5.39 -12.56
N ALA A 106 13.68 4.32 -13.20
CA ALA A 106 12.91 3.53 -14.17
C ALA A 106 11.80 2.70 -13.49
N PHE A 107 10.65 2.59 -14.14
CA PHE A 107 9.55 1.79 -13.61
C PHE A 107 9.96 0.32 -13.52
N ARG A 108 9.90 -0.29 -12.33
CA ARG A 108 10.32 -1.69 -12.18
C ARG A 108 9.13 -2.65 -12.18
N GLU A 109 8.05 -2.33 -11.45
CA GLU A 109 6.99 -3.30 -11.28
C GLU A 109 5.77 -2.76 -10.60
N TRP A 110 4.66 -3.47 -10.75
CA TRP A 110 3.46 -3.23 -9.94
C TRP A 110 3.61 -4.14 -8.70
N TYR A 111 3.51 -3.53 -7.54
CA TYR A 111 3.32 -4.24 -6.29
C TYR A 111 1.86 -4.16 -5.74
N VAL A 112 1.22 -5.31 -5.72
CA VAL A 112 -0.12 -5.48 -5.19
C VAL A 112 -0.03 -5.80 -3.72
N ASN A 113 -0.45 -4.85 -2.88
CA ASN A 113 -0.44 -5.07 -1.46
C ASN A 113 -1.81 -5.45 -1.00
N VAL A 114 -1.95 -6.68 -0.63
CA VAL A 114 -3.25 -7.13 -0.15
C VAL A 114 -3.42 -6.56 1.23
N GLU A 115 -4.60 -5.98 1.50
CA GLU A 115 -4.82 -5.24 2.74
C GLU A 115 -6.29 -4.93 2.91
N ALA A 116 -6.68 -4.43 4.06
CA ALA A 116 -8.16 -4.07 4.25
C ALA A 116 -8.62 -2.95 3.36
N PRO A 117 -9.94 -3.02 2.93
CA PRO A 117 -10.41 -1.97 2.07
C PRO A 117 -10.24 -0.69 2.77
N TRP A 118 -9.73 0.33 2.05
CA TRP A 118 -9.33 1.54 2.75
C TRP A 118 -10.59 2.23 3.32
N ARG A 119 -10.53 2.79 4.52
CA ARG A 119 -11.59 3.70 4.98
C ARG A 119 -11.10 5.10 5.23
N ARG A 120 -11.99 6.03 4.94
CA ARG A 120 -11.75 7.47 5.07
C ARG A 120 -11.97 7.82 6.53
N THR A 121 -11.09 8.66 7.05
CA THR A 121 -11.00 9.03 8.44
C THR A 121 -11.02 10.55 8.29
N PRO A 122 -11.17 11.26 9.40
CA PRO A 122 -11.06 12.72 9.26
C PRO A 122 -9.63 13.21 8.84
N THR A 123 -8.56 12.42 9.06
CA THR A 123 -7.20 12.83 8.59
C THR A 123 -6.73 12.24 7.29
N GLY A 124 -7.40 11.20 6.83
CA GLY A 124 -7.14 10.67 5.52
C GLY A 124 -7.70 9.28 5.33
N PHE A 125 -6.83 8.28 5.15
CA PHE A 125 -7.32 6.92 4.98
C PHE A 125 -6.65 5.90 5.88
N SER A 126 -7.40 4.88 6.21
CA SER A 126 -6.86 3.87 7.07
C SER A 126 -7.05 2.50 6.43
N THR A 127 -6.03 1.65 6.60
CA THR A 127 -6.05 0.28 6.08
C THR A 127 -5.31 -0.63 7.04
N LEU A 128 -5.10 -1.86 6.56
CA LEU A 128 -4.20 -2.81 7.25
C LEU A 128 -3.54 -3.90 6.36
N ASP A 129 -2.18 -4.00 6.37
CA ASP A 129 -1.55 -4.97 5.51
C ASP A 129 -1.91 -6.36 5.86
N HIS A 130 -2.18 -7.18 4.86
CA HIS A 130 -2.70 -8.55 5.05
C HIS A 130 -1.77 -9.60 4.49
N GLU A 131 -0.51 -9.18 4.59
CA GLU A 131 0.77 -9.96 4.25
C GLU A 131 0.82 -10.45 2.84
N ILE A 132 -0.30 -10.92 2.23
CA ILE A 132 -0.19 -11.46 0.89
C ILE A 132 0.14 -10.30 -0.01
N ASP A 133 1.15 -10.54 -0.86
CA ASP A 133 1.51 -9.63 -1.96
C ASP A 133 1.70 -10.28 -3.37
N LEU A 134 1.41 -9.49 -4.44
CA LEU A 134 1.68 -9.92 -5.84
C LEU A 134 2.67 -8.94 -6.45
N VAL A 135 3.67 -9.47 -7.13
CA VAL A 135 4.68 -8.65 -7.75
C VAL A 135 4.58 -8.83 -9.27
N VAL A 136 4.32 -7.77 -10.01
CA VAL A 136 4.03 -7.86 -11.42
C VAL A 136 5.08 -7.07 -12.17
N PRO A 137 5.96 -7.76 -12.89
CA PRO A 137 6.88 -7.10 -13.85
C PRO A 137 6.15 -6.23 -14.87
N ALA A 138 6.78 -5.12 -15.22
CA ALA A 138 6.31 -4.24 -16.31
C ALA A 138 5.86 -5.01 -17.54
N ASP A 139 4.68 -4.67 -18.09
CA ASP A 139 4.09 -5.29 -19.33
C ASP A 139 3.95 -6.79 -19.31
N SER A 140 3.49 -7.35 -18.21
CA SER A 140 3.50 -8.80 -18.03
C SER A 140 2.18 -9.26 -17.34
N ARG A 141 1.67 -10.40 -17.81
CA ARG A 141 0.58 -11.13 -17.15
C ARG A 141 1.13 -12.17 -16.18
N THR A 142 2.42 -12.46 -16.23
CA THR A 142 3.00 -13.36 -15.23
C THR A 142 3.40 -12.46 -14.07
N PHE A 143 3.14 -12.96 -12.87
CA PHE A 143 3.41 -12.24 -11.65
C PHE A 143 3.95 -13.28 -10.69
N ARG A 144 4.62 -12.76 -9.65
CA ARG A 144 5.13 -13.58 -8.57
C ARG A 144 4.32 -13.45 -7.29
N TRP A 145 3.86 -14.54 -6.76
CA TRP A 145 3.22 -14.53 -5.43
C TRP A 145 4.30 -14.24 -4.39
N LYS A 146 4.02 -13.40 -3.41
CA LYS A 146 4.99 -13.11 -2.38
C LYS A 146 4.33 -13.30 -1.03
N ASP A 147 5.05 -13.90 -0.12
CA ASP A 147 4.64 -14.02 1.27
C ASP A 147 3.35 -14.88 1.48
N VAL A 148 3.01 -15.76 0.56
CA VAL A 148 1.87 -16.73 0.78
C VAL A 148 2.03 -17.63 1.97
N GLU A 149 3.21 -18.27 2.07
CA GLU A 149 3.39 -19.23 3.14
C GLU A 149 3.51 -18.45 4.49
N LYS A 150 4.26 -17.32 4.50
CA LYS A 150 4.30 -16.37 5.62
C LYS A 150 2.86 -16.00 6.10
N PHE A 151 2.03 -15.54 5.19
CA PHE A 151 0.57 -15.37 5.54
C PHE A 151 -0.13 -16.59 6.15
N GLU A 152 0.11 -17.77 5.59
CA GLU A 152 -0.60 -18.96 6.07
C GLU A 152 -0.14 -19.33 7.47
N GLU A 153 1.16 -19.15 7.78
CA GLU A 153 1.61 -19.30 9.14
C GLU A 153 1.02 -18.33 10.09
N ARG A 154 0.91 -17.08 9.64
CA ARG A 154 0.35 -16.07 10.52
C ARG A 154 -1.18 -16.34 10.75
N ALA A 155 -1.85 -16.82 9.73
CA ALA A 155 -3.24 -17.25 9.91
C ALA A 155 -3.27 -18.40 10.96
N ARG A 156 -2.31 -19.34 10.87
CA ARG A 156 -2.28 -20.53 11.72
C ARG A 156 -2.21 -20.14 13.18
N ILE A 157 -1.48 -19.09 13.48
CA ILE A 157 -1.21 -18.73 14.85
C ILE A 157 -2.15 -17.65 15.31
N GLY A 158 -3.05 -17.22 14.43
CA GLY A 158 -4.17 -16.37 14.83
C GLY A 158 -4.04 -14.86 14.61
N HIS A 159 -3.07 -14.42 13.82
CA HIS A 159 -2.99 -13.00 13.46
C HIS A 159 -4.25 -12.56 12.70
N PHE A 160 -4.85 -13.49 11.96
CA PHE A 160 -6.09 -13.31 11.27
C PHE A 160 -7.04 -14.46 11.69
N SER A 161 -8.33 -14.15 11.86
CA SER A 161 -9.31 -15.21 12.17
C SER A 161 -9.61 -16.05 10.92
N PRO A 162 -10.22 -17.23 11.09
CA PRO A 162 -10.46 -18.00 9.87
C PRO A 162 -11.33 -17.28 8.80
N GLU A 163 -12.28 -16.47 9.24
CA GLU A 163 -13.14 -15.75 8.32
C GLU A 163 -12.31 -14.71 7.53
N GLU A 164 -11.45 -13.98 8.25
CA GLU A 164 -10.57 -12.97 7.67
C GLU A 164 -9.57 -13.64 6.72
N ALA A 165 -8.95 -14.72 7.17
CA ALA A 165 -8.04 -15.42 6.31
C ALA A 165 -8.73 -15.92 5.07
N THR A 166 -9.99 -16.35 5.20
CA THR A 166 -10.64 -16.87 4.02
C THR A 166 -10.77 -15.67 3.09
N ALA A 167 -11.11 -14.51 3.64
CA ALA A 167 -11.42 -13.40 2.76
C ALA A 167 -10.20 -12.78 2.13
N ILE A 168 -9.05 -12.77 2.86
CA ILE A 168 -7.75 -12.37 2.31
C ILE A 168 -7.37 -13.29 1.14
N ARG A 169 -7.50 -14.59 1.30
CA ARG A 169 -7.12 -15.46 0.17
C ARG A 169 -8.01 -15.22 -1.03
N ALA A 170 -9.33 -14.90 -0.81
CA ALA A 170 -10.23 -14.68 -1.91
C ALA A 170 -9.89 -13.44 -2.66
N GLU A 171 -9.73 -12.34 -1.90
CA GLU A 171 -9.17 -11.07 -2.41
C GLU A 171 -7.98 -11.20 -3.26
N ALA A 172 -6.99 -11.94 -2.75
CA ALA A 172 -5.69 -12.07 -3.40
C ALA A 172 -5.88 -12.89 -4.70
N ALA A 173 -6.67 -13.97 -4.62
CA ALA A 173 -6.93 -14.83 -5.81
C ALA A 173 -7.67 -14.05 -6.85
N ASP A 174 -8.57 -13.19 -6.43
CA ASP A 174 -9.33 -12.34 -7.39
C ASP A 174 -8.41 -11.50 -8.27
N VAL A 175 -7.57 -10.69 -7.65
CA VAL A 175 -6.63 -9.83 -8.40
C VAL A 175 -5.66 -10.65 -9.23
N ALA A 176 -5.15 -11.74 -8.64
CA ALA A 176 -4.20 -12.63 -9.36
C ALA A 176 -4.81 -13.11 -10.67
N ARG A 177 -6.08 -13.48 -10.66
CA ARG A 177 -6.78 -13.92 -11.88
C ARG A 177 -6.93 -12.78 -12.92
N GLU A 178 -7.28 -11.60 -12.47
CA GLU A 178 -7.48 -10.45 -13.33
C GLU A 178 -6.12 -10.11 -13.99
N ILE A 179 -5.06 -10.14 -13.20
CA ILE A 179 -3.79 -9.76 -13.76
C ILE A 179 -3.38 -10.79 -14.82
N ALA A 180 -3.35 -12.06 -14.49
CA ALA A 180 -2.99 -13.16 -15.39
C ALA A 180 -3.87 -13.22 -16.68
N ALA A 181 -5.09 -12.70 -16.60
CA ALA A 181 -6.06 -12.67 -17.71
C ALA A 181 -5.72 -11.50 -18.60
N GLY A 182 -4.77 -10.67 -18.16
CA GLY A 182 -4.50 -9.39 -18.77
C GLY A 182 -5.63 -8.39 -18.53
N GLU A 183 -6.34 -8.51 -17.42
CA GLU A 183 -7.46 -7.57 -17.11
C GLU A 183 -7.28 -6.84 -15.78
N GLN A 184 -6.12 -6.19 -15.63
CA GLN A 184 -5.76 -5.36 -14.46
C GLN A 184 -6.77 -4.23 -14.36
N TRP A 185 -7.36 -3.96 -13.19
CA TRP A 185 -8.46 -2.97 -13.07
C TRP A 185 -7.97 -1.55 -13.36
N TRP A 186 -6.67 -1.36 -13.22
CA TRP A 186 -6.07 -0.05 -13.22
C TRP A 186 -5.48 0.32 -14.58
N ASP A 187 -5.37 1.62 -14.80
CA ASP A 187 -4.80 2.11 -16.04
C ASP A 187 -3.32 1.92 -15.97
N THR A 188 -2.69 1.29 -16.97
CA THR A 188 -1.23 1.10 -16.88
C THR A 188 -0.40 2.35 -17.21
N ARG A 189 -1.05 3.42 -17.67
CA ARG A 189 -0.32 4.69 -17.82
C ARG A 189 0.18 5.28 -16.50
N TRP A 190 -0.27 4.77 -15.35
CA TRP A 190 0.27 5.28 -14.10
C TRP A 190 1.78 5.03 -13.93
N SER A 191 2.32 4.04 -14.62
CA SER A 191 3.74 3.75 -14.50
C SER A 191 4.64 4.83 -15.08
N ARG A 192 4.08 5.72 -15.90
CA ARG A 192 4.84 6.88 -16.43
C ARG A 192 4.43 8.22 -15.82
N TRP A 193 3.43 8.23 -14.93
CA TRP A 193 3.01 9.45 -14.23
C TRP A 193 4.19 10.01 -13.46
N GLU A 194 4.35 11.33 -13.50
CA GLU A 194 5.47 12.04 -12.86
C GLU A 194 4.90 13.06 -11.89
N PRO A 195 5.36 13.06 -10.61
CA PRO A 195 4.83 14.06 -9.67
C PRO A 195 5.16 15.50 -10.05
N PRO A 196 4.30 16.46 -9.71
CA PRO A 196 4.75 17.87 -9.86
C PRO A 196 6.07 18.13 -9.11
N ALA A 197 6.80 19.16 -9.55
CA ALA A 197 8.07 19.52 -8.91
C ALA A 197 7.78 19.98 -7.49
N GLY A 198 8.76 19.85 -6.63
CA GLY A 198 8.56 20.20 -5.23
C GLY A 198 7.69 19.24 -4.44
N TRP A 199 7.31 18.10 -5.03
CA TRP A 199 6.50 17.14 -4.28
C TRP A 199 7.50 16.30 -3.58
N ASN A 200 8.10 16.83 -2.51
CA ASN A 200 9.29 16.19 -1.94
C ASN A 200 8.93 15.57 -0.61
N ALA A 201 9.92 15.35 0.24
CA ALA A 201 9.72 14.66 1.49
C ALA A 201 8.72 15.39 2.34
N LEU A 202 7.89 14.69 3.10
CA LEU A 202 6.96 15.37 4.06
C LEU A 202 7.25 14.83 5.41
N LEU A 203 7.40 15.70 6.39
CA LEU A 203 7.95 15.33 7.69
C LEU A 203 6.93 15.35 8.78
N GLN A 204 5.70 15.78 8.49
N GLN A 204 5.70 15.78 8.49
CA GLN A 204 4.72 15.83 9.57
CA GLN A 204 4.71 15.82 9.57
C GLN A 204 4.35 14.43 10.05
C GLN A 204 4.36 14.43 10.05
N SER A 205 3.86 14.37 11.27
CA SER A 205 3.34 13.14 11.86
C SER A 205 1.87 13.39 12.22
N PHE A 206 1.01 12.42 11.98
CA PHE A 206 -0.33 12.52 12.50
C PHE A 206 -0.35 11.61 13.74
#